data_9OXQ
#
_entry.id   9OXQ
#
_cell.length_a   25.012
_cell.length_b   40.715
_cell.length_c   46.939
_cell.angle_alpha   90.000
_cell.angle_beta   103.410
_cell.angle_gamma   90.000
#
_symmetry.space_group_name_H-M   'P 1 21 1'
#
loop_
_entity.id
_entity.type
_entity.pdbx_description
1 polymer 'MC4H (ORN)WFHSH(ORN)FIH(SAR)H peptide macrocycle'
2 polymer 'MC4H (ORN)FIH(SAR)H(ORN)WFHSH peptide macrocycle'
3 non-polymer 'SULFATE ION'
4 water water
#
loop_
_entity_poly.entity_id
_entity_poly.type
_entity_poly.pdbx_seq_one_letter_code
_entity_poly.pdbx_strand_id
1 'polypeptide(L)' (ORN)WFHSH(ORN)FIH(SAR)H A,C,E,G
2 'polypeptide(L)' (ORN)FIH(SAR)H(ORN)WFHSH B,D,F,H
#
# COMPACT_ATOMS: atom_id res chain seq x y z
N TRP A 2 -7.56 15.71 -5.42
CA TRP A 2 -8.35 14.50 -5.37
C TRP A 2 -8.47 13.84 -6.74
N PHE A 3 -8.45 12.51 -6.73
CA PHE A 3 -8.56 11.71 -7.93
C PHE A 3 -9.65 10.67 -7.74
N HIS A 4 -10.37 10.36 -8.82
CA HIS A 4 -11.50 9.45 -8.75
C HIS A 4 -11.31 8.30 -9.73
N SER A 5 -11.66 7.09 -9.28
CA SER A 5 -11.50 5.90 -10.09
C SER A 5 -12.72 5.01 -9.90
N HIS A 6 -13.14 4.35 -10.97
CA HIS A 6 -14.26 3.41 -10.91
C HIS A 6 -13.76 1.98 -10.84
N PHE A 8 -8.75 3.19 -14.70
CA PHE A 8 -8.20 4.51 -14.98
C PHE A 8 -8.44 5.43 -13.79
N ILE A 9 -7.54 6.39 -13.59
CA ILE A 9 -7.64 7.35 -12.50
C ILE A 9 -7.85 8.72 -13.12
N HIS A 10 -8.93 9.39 -12.72
CA HIS A 10 -9.28 10.69 -13.29
C HIS A 10 -8.98 11.83 -12.32
N HIS A 12 -6.71 16.06 -12.10
CA HIS A 12 -5.48 16.77 -12.43
C HIS A 12 -4.49 16.70 -11.26
N PHE B 2 3.37 10.78 -2.37
CA PHE B 2 2.61 9.56 -2.10
C PHE B 2 1.16 9.75 -2.53
N ILE B 3 0.50 8.66 -2.87
CA ILE B 3 -0.92 8.68 -3.21
C ILE B 3 -1.66 7.89 -2.13
N HIS B 4 -2.59 8.56 -1.46
CA HIS B 4 -3.31 7.97 -0.33
C HIS B 4 -4.70 7.51 -0.76
N HIS B 6 -7.50 3.87 -1.49
CA HIS B 6 -7.42 2.57 -2.18
C HIS B 6 -8.63 2.28 -3.05
N TRP B 8 -11.82 6.99 -4.26
CA TRP B 8 -11.09 8.25 -4.28
C TRP B 8 -9.67 8.09 -3.76
N PHE B 9 -8.76 8.80 -4.40
CA PHE B 9 -7.38 8.92 -3.96
C PHE B 9 -7.06 10.38 -3.70
N HIS B 10 -6.18 10.65 -2.75
N HIS B 10 -6.11 10.61 -2.80
CA HIS B 10 -5.77 12.02 -2.50
CA HIS B 10 -5.72 11.94 -2.35
C HIS B 10 -4.25 12.09 -2.43
C HIS B 10 -4.20 12.04 -2.46
N SER B 11 -3.69 13.12 -3.07
CA SER B 11 -2.25 13.31 -3.14
C SER B 11 -1.95 14.78 -3.03
N HIS B 12 -0.93 15.11 -2.23
CA HIS B 12 -0.46 16.47 -2.13
C HIS B 12 0.77 16.65 -3.02
N TRP C 2 6.91 6.71 -10.93
CA TRP C 2 6.17 5.47 -11.16
C TRP C 2 5.57 4.91 -9.87
N PHE C 3 4.35 4.41 -9.98
CA PHE C 3 3.60 3.85 -8.86
C PHE C 3 3.10 2.47 -9.23
N HIS C 4 3.07 1.55 -8.26
CA HIS C 4 2.56 0.22 -8.51
C HIS C 4 1.41 -0.10 -7.57
N SER C 5 0.49 -0.94 -8.05
CA SER C 5 -0.67 -1.35 -7.28
C SER C 5 -0.99 -2.81 -7.59
N HIS C 6 -1.29 -3.58 -6.54
CA HIS C 6 -1.68 -4.98 -6.69
C HIS C 6 -2.91 -5.26 -5.84
N PHE C 8 -4.16 -0.14 -2.42
CA PHE C 8 -3.28 1.00 -2.20
C PHE C 8 -2.37 1.21 -3.41
N ILE C 9 -1.99 2.45 -3.63
CA ILE C 9 -1.02 2.81 -4.65
C ILE C 9 0.32 2.99 -3.96
N HIS C 10 1.31 2.21 -4.36
CA HIS C 10 2.64 2.26 -3.75
C HIS C 10 3.56 3.19 -4.53
N HIS C 12 6.55 6.82 -4.09
CA HIS C 12 6.62 8.17 -3.58
C HIS C 12 6.65 9.19 -4.72
N PHE D 2 -1.59 14.82 -13.32
N PHE D 2 -1.57 14.82 -13.33
CA PHE D 2 -2.41 13.69 -13.74
CA PHE D 2 -2.38 13.70 -13.76
C PHE D 2 -1.72 12.37 -13.41
C PHE D 2 -1.72 12.37 -13.43
N ILE D 3 -2.52 11.34 -13.16
CA ILE D 3 -2.01 9.99 -12.89
C ILE D 3 -2.37 9.10 -14.07
N HIS D 4 -1.38 8.74 -14.87
CA HIS D 4 -1.57 7.90 -16.06
C HIS D 4 -1.57 6.42 -15.72
N HIS D 6 -3.65 2.21 -15.84
CA HIS D 6 -4.90 1.53 -15.48
C HIS D 6 -4.68 0.42 -14.45
N TRP D 8 0.86 -0.74 -13.17
CA TRP D 8 1.68 0.46 -13.06
C TRP D 8 0.96 1.75 -13.44
N PHE D 9 1.21 2.79 -12.65
CA PHE D 9 0.75 4.14 -12.91
C PHE D 9 1.97 5.07 -13.00
N HIS D 10 1.82 6.19 -13.69
CA HIS D 10 2.90 7.17 -13.70
C HIS D 10 2.35 8.57 -13.70
N SER D 11 3.06 9.47 -13.01
N SER D 11 3.07 9.47 -13.01
CA SER D 11 2.69 10.87 -12.93
CA SER D 11 2.69 10.87 -12.91
C SER D 11 3.93 11.74 -13.03
C SER D 11 3.93 11.74 -13.02
N HIS D 12 3.81 12.83 -13.77
CA HIS D 12 4.94 13.75 -13.92
C HIS D 12 4.58 15.15 -13.38
N TRP E 2 12.95 -10.01 6.77
CA TRP E 2 12.07 -11.14 6.45
C TRP E 2 11.23 -11.57 7.64
N PHE E 3 9.98 -11.95 7.38
CA PHE E 3 9.07 -12.41 8.40
C PHE E 3 8.41 -13.70 7.95
N HIS E 4 8.21 -14.62 8.89
CA HIS E 4 7.61 -15.91 8.59
C HIS E 4 6.38 -16.15 9.44
N SER E 5 5.39 -16.82 8.85
CA SER E 5 4.13 -17.05 9.54
C SER E 5 3.37 -18.19 8.89
N HIS E 6 2.68 -18.98 9.71
CA HIS E 6 1.85 -20.07 9.21
C HIS E 6 0.37 -19.79 9.45
N PHE E 8 0.50 -15.36 14.47
CA PHE E 8 1.56 -14.42 14.78
C PHE E 8 2.52 -14.33 13.60
N ILE E 9 3.15 -13.17 13.46
CA ILE E 9 4.17 -12.94 12.44
C ILE E 9 5.52 -12.94 13.15
N HIS E 10 6.40 -13.86 12.76
CA HIS E 10 7.67 -13.99 13.44
C HIS E 10 8.80 -13.30 12.69
N HIS E 12 12.29 -10.20 13.61
CA HIS E 12 12.54 -8.89 14.19
C HIS E 12 12.58 -7.82 13.12
N PHE F 2 5.42 -0.41 4.03
CA PHE F 2 4.53 -1.46 3.56
C PHE F 2 5.08 -2.82 3.97
N ILE F 3 4.18 -3.77 4.13
CA ILE F 3 4.53 -5.17 4.37
C ILE F 3 4.08 -5.97 3.16
N HIS F 4 5.03 -6.58 2.47
CA HIS F 4 4.78 -7.30 1.23
C HIS F 4 4.58 -8.77 1.52
N HIS F 6 1.77 -12.58 1.03
CA HIS F 6 0.39 -13.03 1.14
C HIS F 6 0.24 -14.18 2.13
N TRP F 8 5.97 -16.20 3.62
CA TRP F 8 6.94 -15.19 3.99
C TRP F 8 6.42 -13.80 3.68
N PHE F 9 6.78 -12.86 4.54
CA PHE F 9 6.54 -11.43 4.33
C PHE F 9 7.89 -10.72 4.30
N HIS F 10 7.91 -9.54 3.69
CA HIS F 10 9.11 -8.73 3.66
C HIS F 10 8.73 -7.27 3.87
N SER F 11 9.56 -6.55 4.62
CA SER F 11 9.34 -5.13 4.82
C SER F 11 10.69 -4.46 5.04
N HIS F 12 10.81 -3.23 4.55
CA HIS F 12 11.99 -2.41 4.85
C HIS F 12 11.55 -1.07 5.44
N TRP G 2 -0.22 0.98 12.11
CA TRP G 2 -1.19 -0.12 12.27
C TRP G 2 -1.61 -0.65 10.91
N PHE G 3 -1.67 -1.97 10.81
CA PHE G 3 -2.00 -2.67 9.57
C PHE G 3 -3.20 -3.58 9.79
N HIS G 4 -4.11 -3.64 8.82
N HIS G 4 -4.08 -3.64 8.81
CA HIS G 4 -5.28 -4.49 8.89
CA HIS G 4 -5.26 -4.49 8.84
C HIS G 4 -5.11 -5.70 7.96
C HIS G 4 -5.05 -5.72 7.96
N SER G 5 -5.62 -6.84 8.39
CA SER G 5 -5.52 -8.07 7.63
C SER G 5 -6.76 -8.92 7.84
N HIS G 6 -7.19 -9.62 6.79
CA HIS G 6 -8.31 -10.55 6.88
C HIS G 6 -7.84 -11.95 7.26
N PHE G 8 -2.86 -11.15 2.97
CA PHE G 8 -2.14 -9.89 2.80
C PHE G 8 -2.24 -9.06 4.08
N ILE G 9 -1.27 -8.16 4.25
CA ILE G 9 -1.23 -7.23 5.37
C ILE G 9 -1.22 -5.83 4.76
N HIS G 10 -2.32 -5.10 4.94
CA HIS G 10 -2.56 -3.86 4.23
C HIS G 10 -2.16 -2.61 5.03
N HIS G 12 0.19 1.52 4.89
CA HIS G 12 1.47 2.16 4.64
C HIS G 12 2.44 1.98 5.80
N PHE H 2 9.68 -5.53 14.60
CA PHE H 2 8.73 -6.62 14.79
C PHE H 2 7.37 -6.26 14.21
N ILE H 3 6.61 -7.27 13.82
CA ILE H 3 5.21 -7.10 13.46
C ILE H 3 4.39 -7.81 14.53
N HIS H 4 3.78 -7.03 15.42
CA HIS H 4 3.08 -7.58 16.58
C HIS H 4 1.58 -7.68 16.34
N HIS H 6 -2.06 -10.66 16.20
CA HIS H 6 -2.38 -11.96 15.62
C HIS H 6 -3.70 -11.96 14.85
N TRP H 8 -5.71 -6.89 13.44
CA TRP H 8 -4.79 -5.76 13.38
C TRP H 8 -3.38 -6.17 13.79
N PHE H 9 -2.40 -5.62 13.06
CA PHE H 9 -0.99 -5.77 13.38
C PHE H 9 -0.38 -4.39 13.59
N HIS H 10 0.66 -4.32 14.40
CA HIS H 10 1.36 -3.07 14.65
C HIS H 10 2.85 -3.24 14.40
N SER H 11 3.45 -2.25 13.77
CA SER H 11 4.91 -2.23 13.62
C SER H 11 5.43 -0.82 13.84
N HIS H 12 6.51 -0.75 14.63
CA HIS H 12 7.23 0.48 14.91
C HIS H 12 8.39 0.62 13.93
#